data_1NLY
#
_entry.id   1NLY
#
_cell.length_a   110.820
_cell.length_b   110.820
_cell.length_c   230.910
_cell.angle_alpha   90.00
_cell.angle_beta   90.00
_cell.angle_gamma   120.00
#
_symmetry.space_group_name_H-M   'P 63 2 2'
#
loop_
_entity.id
_entity.type
_entity.pdbx_description
1 polymer 'virB11 homolog'
2 non-polymer 'MAGNESIUM ION'
3 non-polymer 'PHOSPHOTHIOPHOSPHORIC ACID-ADENYLATE ESTER'
4 non-polymer 'SULFATE ION'
5 non-polymer 'NONAETHYLENE GLYCOL'
6 water water
#
_entity_poly.entity_id   1
_entity_poly.type   'polypeptide(L)'
_entity_poly.pdbx_seq_one_letter_code
;MTEDRLSAEDKKFLEVERALKEAALNPLRHATEELFGDFLK(MSE)ENITEICYNGNKVVWVLKNNGEWQPFDVRDRKAF
SLSRL(MSE)HFARCCASFKKKTIDNYENPILSSNLANGERVQIVLSPVTVNDETISISIRIPSKTTYPHSFFEEQGFYN
LLDNKEQAISAIKDGIAIGKNVIVCGGTGSGKTTYIKSI(MSE)EFIPKEERIISIEDTEEIVFKHHKNYTQLFFGGNIT
SADCLKSCLR(MSE)RPDRIILGELRSSEAYDFYNVLCSGHKGTLTTLHAGSSEEAFIRLAN(MSE)SSSNSAARNIKFE
SLIEGFKDLID(MSE)IVHINHHKQCDEFYIKHR
;
_entity_poly.pdbx_strand_id   A,B
#
# COMPACT_ATOMS: atom_id res chain seq x y z
N LEU A 6 -2.46 1.58 31.97
CA LEU A 6 -3.12 1.69 30.62
C LEU A 6 -4.05 0.49 30.33
N SER A 7 -3.55 -0.72 30.61
CA SER A 7 -4.34 -1.92 30.37
C SER A 7 -5.71 -1.84 31.08
N ALA A 8 -5.73 -1.25 32.28
CA ALA A 8 -6.99 -1.12 33.03
C ALA A 8 -7.99 -0.29 32.26
N GLU A 9 -7.50 0.78 31.63
CA GLU A 9 -8.36 1.63 30.81
C GLU A 9 -8.59 1.01 29.43
N ASP A 10 -7.55 0.39 28.86
CA ASP A 10 -7.67 -0.25 27.54
C ASP A 10 -8.76 -1.31 27.60
N LYS A 11 -8.86 -2.01 28.71
CA LYS A 11 -9.88 -3.03 28.90
C LYS A 11 -11.28 -2.41 28.95
N LYS A 12 -11.44 -1.38 29.76
CA LYS A 12 -12.72 -0.73 29.84
C LYS A 12 -13.05 -0.08 28.48
N PHE A 13 -12.02 0.26 27.73
CA PHE A 13 -12.22 0.87 26.42
C PHE A 13 -12.61 -0.15 25.36
N LEU A 14 -12.08 -1.36 25.48
CA LEU A 14 -12.38 -2.43 24.53
C LEU A 14 -13.68 -3.14 24.91
N GLU A 15 -14.00 -3.07 26.20
CA GLU A 15 -15.17 -3.70 26.75
C GLU A 15 -16.34 -3.81 25.80
N VAL A 16 -16.79 -2.67 25.26
CA VAL A 16 -17.97 -2.66 24.36
C VAL A 16 -17.83 -3.47 23.08
N GLU A 17 -16.74 -3.25 22.37
CA GLU A 17 -16.53 -3.98 21.14
C GLU A 17 -16.32 -5.47 21.44
N ARG A 18 -15.44 -5.75 22.41
CA ARG A 18 -15.18 -7.13 22.76
C ARG A 18 -16.46 -7.88 23.09
N ALA A 19 -17.30 -7.30 23.93
CA ALA A 19 -18.55 -7.94 24.28
C ALA A 19 -19.30 -8.31 23.01
N LEU A 20 -19.54 -7.32 22.16
CA LEU A 20 -20.24 -7.53 20.90
C LEU A 20 -19.59 -8.65 20.10
N LYS A 21 -18.31 -8.50 19.76
CA LYS A 21 -17.59 -9.52 18.98
C LYS A 21 -17.67 -10.90 19.65
N GLU A 22 -17.27 -10.95 20.91
CA GLU A 22 -17.27 -12.20 21.68
C GLU A 22 -18.67 -12.77 21.97
N ALA A 23 -19.70 -12.13 21.44
CA ALA A 23 -21.07 -12.59 21.65
C ALA A 23 -21.56 -13.26 20.38
N ALA A 24 -20.68 -13.26 19.38
CA ALA A 24 -20.94 -13.88 18.07
C ALA A 24 -19.81 -14.83 17.76
N LEU A 25 -18.69 -14.66 18.45
CA LEU A 25 -17.54 -15.51 18.22
C LEU A 25 -17.55 -16.73 19.13
N ASN A 26 -18.29 -16.66 20.23
CA ASN A 26 -18.35 -17.80 21.14
C ASN A 26 -19.29 -18.85 20.54
N PRO A 27 -20.48 -18.43 20.06
CA PRO A 27 -21.38 -19.41 19.48
C PRO A 27 -20.67 -20.19 18.37
N LEU A 28 -19.84 -19.46 17.62
CA LEU A 28 -19.12 -20.04 16.52
C LEU A 28 -17.97 -20.88 17.00
N ARG A 29 -17.39 -20.52 18.13
CA ARG A 29 -16.27 -21.29 18.68
C ARG A 29 -16.69 -22.71 19.12
N HIS A 30 -17.85 -22.78 19.78
CA HIS A 30 -18.34 -24.06 20.27
C HIS A 30 -18.73 -24.91 19.09
N ALA A 31 -19.43 -24.33 18.12
CA ALA A 31 -19.87 -25.09 16.97
C ALA A 31 -18.66 -25.64 16.24
N THR A 32 -17.68 -24.76 15.99
CA THR A 32 -16.46 -25.18 15.32
C THR A 32 -15.86 -26.33 16.13
N GLU A 33 -15.56 -26.03 17.38
CA GLU A 33 -14.99 -27.00 18.29
C GLU A 33 -15.78 -28.30 18.21
N GLU A 34 -17.10 -28.18 18.33
CA GLU A 34 -18.00 -29.32 18.29
C GLU A 34 -17.89 -30.18 17.04
N LEU A 35 -17.83 -29.56 15.87
CA LEU A 35 -17.76 -30.31 14.63
C LEU A 35 -16.34 -30.66 14.20
N PHE A 36 -15.64 -29.67 13.66
CA PHE A 36 -14.31 -29.90 13.16
C PHE A 36 -13.18 -29.74 14.19
N GLY A 37 -13.50 -29.80 15.48
CA GLY A 37 -12.47 -29.67 16.50
C GLY A 37 -11.35 -30.67 16.37
N ASP A 38 -11.68 -31.95 16.26
CA ASP A 38 -10.68 -33.03 16.13
C ASP A 38 -9.75 -32.79 14.97
N PHE A 39 -10.34 -32.62 13.80
CA PHE A 39 -9.59 -32.41 12.58
C PHE A 39 -8.67 -31.20 12.61
N LEU A 40 -9.15 -30.11 13.17
CA LEU A 40 -8.34 -28.91 13.25
C LEU A 40 -7.08 -29.15 14.06
N LYS A 41 -7.13 -30.10 14.99
CA LYS A 41 -5.96 -30.44 15.82
C LYS A 41 -4.89 -31.23 15.04
N GLU A 43 -2.01 -32.35 12.68
CA GLU A 43 -0.82 -31.68 12.18
C GLU A 43 -0.64 -31.92 10.68
N ASN A 44 0.07 -31.00 10.01
CA ASN A 44 0.36 -31.07 8.58
C ASN A 44 -0.80 -31.31 7.58
N ILE A 45 -1.96 -30.70 7.86
CA ILE A 45 -3.11 -30.84 6.98
C ILE A 45 -3.25 -29.53 6.24
N THR A 46 -3.96 -29.52 5.11
CA THR A 46 -4.11 -28.29 4.36
C THR A 46 -5.58 -27.94 4.06
N GLU A 47 -6.47 -28.91 4.21
CA GLU A 47 -7.88 -28.66 3.94
C GLU A 47 -8.70 -29.68 4.67
N ILE A 48 -9.91 -29.29 5.02
CA ILE A 48 -10.85 -30.17 5.69
C ILE A 48 -12.14 -29.99 4.91
N CYS A 49 -12.60 -31.03 4.23
CA CYS A 49 -13.82 -30.89 3.46
C CYS A 49 -14.93 -31.78 3.98
N TYR A 50 -16.17 -31.41 3.69
CA TYR A 50 -17.32 -32.20 4.12
C TYR A 50 -18.30 -32.21 2.97
N ASN A 51 -18.62 -33.40 2.49
CA ASN A 51 -19.51 -33.54 1.34
C ASN A 51 -20.91 -33.97 1.74
N GLY A 52 -21.31 -33.57 2.95
CA GLY A 52 -22.63 -33.87 3.47
C GLY A 52 -23.08 -35.29 3.23
N ASN A 53 -22.12 -36.20 3.40
CA ASN A 53 -22.38 -37.61 3.20
C ASN A 53 -21.82 -38.41 4.37
N LYS A 54 -21.83 -37.79 5.55
CA LYS A 54 -21.35 -38.41 6.79
C LYS A 54 -19.84 -38.76 6.86
N VAL A 55 -19.06 -38.26 5.92
CA VAL A 55 -17.62 -38.54 5.92
C VAL A 55 -16.82 -37.26 5.84
N VAL A 56 -15.80 -37.13 6.69
CA VAL A 56 -14.95 -35.95 6.64
C VAL A 56 -13.63 -36.29 5.98
N TRP A 57 -13.36 -35.54 4.91
CA TRP A 57 -12.16 -35.71 4.12
C TRP A 57 -11.11 -34.67 4.46
N VAL A 58 -9.93 -35.15 4.82
CA VAL A 58 -8.86 -34.24 5.18
C VAL A 58 -7.69 -34.41 4.20
N LEU A 59 -7.17 -33.30 3.69
CA LEU A 59 -6.03 -33.31 2.76
C LEU A 59 -4.77 -33.01 3.55
N LYS A 60 -3.78 -33.88 3.44
CA LYS A 60 -2.55 -33.72 4.20
C LYS A 60 -1.49 -33.09 3.34
N ASN A 61 -0.51 -32.46 3.99
CA ASN A 61 0.61 -31.82 3.31
C ASN A 61 1.23 -32.70 2.24
N ASN A 62 1.26 -34.01 2.51
CA ASN A 62 1.84 -34.97 1.58
C ASN A 62 0.96 -35.22 0.38
N GLY A 63 -0.11 -34.42 0.28
CA GLY A 63 -1.02 -34.49 -0.84
C GLY A 63 -1.97 -35.67 -0.84
N GLU A 64 -2.12 -36.28 0.32
CA GLU A 64 -2.99 -37.44 0.46
C GLU A 64 -4.34 -37.11 1.15
N TRP A 65 -5.42 -37.63 0.56
CA TRP A 65 -6.76 -37.42 1.10
C TRP A 65 -7.07 -38.56 2.04
N GLN A 66 -7.46 -38.21 3.26
CA GLN A 66 -7.81 -39.18 4.29
C GLN A 66 -9.28 -38.97 4.74
N PRO A 67 -10.13 -40.01 4.57
CA PRO A 67 -11.54 -39.95 4.93
C PRO A 67 -11.71 -40.38 6.36
N PHE A 68 -12.71 -39.80 7.00
CA PHE A 68 -13.00 -40.14 8.39
C PHE A 68 -14.49 -40.28 8.49
N ASP A 69 -14.93 -41.32 9.19
CA ASP A 69 -16.33 -41.64 9.36
C ASP A 69 -16.98 -40.88 10.54
N VAL A 70 -18.11 -40.22 10.33
CA VAL A 70 -18.76 -39.50 11.42
C VAL A 70 -20.25 -39.83 11.47
N ARG A 71 -20.56 -41.01 10.93
CA ARG A 71 -21.93 -41.50 10.86
C ARG A 71 -22.61 -41.43 12.21
N ASP A 72 -21.83 -41.69 13.26
CA ASP A 72 -22.36 -41.70 14.62
C ASP A 72 -21.81 -40.53 15.44
N ARG A 73 -22.20 -39.32 15.05
CA ARG A 73 -21.77 -38.11 15.76
C ARG A 73 -22.91 -37.14 15.66
N LYS A 74 -23.26 -36.51 16.77
CA LYS A 74 -24.35 -35.53 16.79
C LYS A 74 -23.95 -34.26 16.02
N ALA A 75 -22.70 -33.84 16.19
CA ALA A 75 -22.20 -32.62 15.55
C ALA A 75 -22.45 -32.65 14.05
N PHE A 76 -22.86 -33.78 13.52
CA PHE A 76 -23.11 -33.87 12.10
C PHE A 76 -24.55 -34.21 11.77
N SER A 77 -25.45 -33.45 12.38
CA SER A 77 -26.90 -33.57 12.17
C SER A 77 -27.29 -32.39 11.29
N LEU A 78 -28.22 -32.59 10.37
CA LEU A 78 -28.59 -31.48 9.52
C LEU A 78 -28.75 -30.20 10.33
N SER A 79 -29.33 -30.31 11.53
CA SER A 79 -29.50 -29.13 12.37
C SER A 79 -28.17 -28.63 12.96
N ARG A 80 -27.43 -29.54 13.61
CA ARG A 80 -26.14 -29.21 14.21
C ARG A 80 -25.23 -28.57 13.18
N LEU A 81 -25.37 -28.99 11.92
CA LEU A 81 -24.55 -28.44 10.84
C LEU A 81 -25.00 -27.03 10.46
N HIS A 83 -26.60 -24.86 12.27
CA HIS A 83 -26.28 -23.93 13.35
C HIS A 83 -24.86 -23.43 13.16
N PHE A 84 -23.95 -24.33 12.80
CA PHE A 84 -22.57 -23.94 12.60
C PHE A 84 -22.51 -23.06 11.36
N ALA A 85 -23.27 -23.43 10.35
CA ALA A 85 -23.29 -22.67 9.11
C ALA A 85 -23.68 -21.24 9.42
N ARG A 86 -24.84 -21.08 10.03
CA ARG A 86 -25.32 -19.74 10.36
C ARG A 86 -24.28 -19.01 11.20
N CYS A 87 -23.62 -19.72 12.11
CA CYS A 87 -22.63 -19.09 12.95
C CYS A 87 -21.54 -18.48 12.10
N CYS A 88 -21.31 -19.09 10.96
CA CYS A 88 -20.30 -18.60 10.06
C CYS A 88 -20.77 -17.33 9.33
N ALA A 89 -21.99 -17.36 8.82
CA ALA A 89 -22.52 -16.21 8.11
C ALA A 89 -22.46 -15.00 9.03
N SER A 90 -23.31 -15.01 10.06
CA SER A 90 -23.37 -13.91 11.02
C SER A 90 -22.02 -13.38 11.49
N PHE A 91 -21.05 -14.27 11.69
CA PHE A 91 -19.71 -13.85 12.14
C PHE A 91 -19.16 -12.80 11.19
N LYS A 92 -19.15 -13.15 9.91
CA LYS A 92 -18.65 -12.23 8.90
C LYS A 92 -19.78 -11.36 8.43
N LYS A 93 -20.83 -11.26 9.24
CA LYS A 93 -21.98 -10.45 8.89
C LYS A 93 -22.54 -10.75 7.50
N LYS A 94 -22.97 -11.99 7.32
CA LYS A 94 -23.56 -12.42 6.07
C LYS A 94 -24.70 -13.33 6.46
N THR A 95 -25.47 -13.75 5.46
CA THR A 95 -26.60 -14.63 5.71
C THR A 95 -26.44 -15.89 4.87
N ILE A 96 -26.91 -17.02 5.39
CA ILE A 96 -26.85 -18.25 4.62
C ILE A 96 -28.17 -18.99 4.70
N ASP A 97 -28.78 -19.24 3.55
CA ASP A 97 -30.06 -19.92 3.52
C ASP A 97 -30.17 -20.76 2.25
N ASN A 98 -31.35 -21.34 2.04
CA ASN A 98 -31.64 -22.20 0.87
C ASN A 98 -32.35 -21.48 -0.28
N TYR A 99 -32.28 -20.15 -0.30
CA TYR A 99 -32.94 -19.39 -1.36
C TYR A 99 -31.95 -18.46 -2.05
N GLU A 100 -31.89 -17.21 -1.61
CA GLU A 100 -30.97 -16.25 -2.24
C GLU A 100 -29.50 -16.43 -1.84
N ASN A 101 -29.23 -16.91 -0.63
CA ASN A 101 -27.86 -17.10 -0.15
C ASN A 101 -27.55 -18.57 0.18
N PRO A 102 -27.50 -19.44 -0.83
CA PRO A 102 -27.22 -20.86 -0.64
C PRO A 102 -25.73 -21.12 -0.55
N ILE A 103 -24.94 -20.32 -1.26
CA ILE A 103 -23.48 -20.40 -1.23
C ILE A 103 -22.99 -19.40 -0.18
N LEU A 104 -21.88 -19.73 0.48
CA LEU A 104 -21.33 -18.87 1.51
C LEU A 104 -19.82 -18.94 1.53
N SER A 105 -19.21 -17.84 1.98
CA SER A 105 -17.77 -17.71 2.12
C SER A 105 -17.65 -16.89 3.39
N SER A 106 -16.88 -17.40 4.35
CA SER A 106 -16.67 -16.72 5.62
C SER A 106 -15.39 -17.26 6.24
N ASN A 107 -15.30 -17.15 7.55
CA ASN A 107 -14.15 -17.62 8.28
C ASN A 107 -14.54 -18.19 9.62
N LEU A 108 -13.56 -18.81 10.27
CA LEU A 108 -13.75 -19.40 11.58
C LEU A 108 -13.21 -18.46 12.63
N ALA A 109 -13.44 -18.80 13.89
CA ALA A 109 -12.96 -17.99 15.02
C ALA A 109 -11.48 -17.56 14.90
N ASN A 110 -10.63 -18.44 14.40
CA ASN A 110 -9.20 -18.19 14.25
C ASN A 110 -8.73 -17.61 12.92
N GLY A 111 -9.62 -17.55 11.92
CA GLY A 111 -9.21 -16.95 10.66
C GLY A 111 -9.22 -17.80 9.41
N GLU A 112 -9.42 -19.10 9.54
CA GLU A 112 -9.39 -19.97 8.36
C GLU A 112 -10.58 -19.76 7.46
N ARG A 113 -10.34 -19.74 6.16
CA ARG A 113 -11.40 -19.57 5.15
C ARG A 113 -12.36 -20.76 5.10
N VAL A 114 -13.64 -20.46 5.03
CA VAL A 114 -14.65 -21.49 4.98
C VAL A 114 -15.58 -21.30 3.79
N GLN A 115 -15.85 -22.41 3.10
CA GLN A 115 -16.72 -22.41 1.94
C GLN A 115 -17.87 -23.36 2.23
N ILE A 116 -19.06 -22.79 2.37
CA ILE A 116 -20.24 -23.58 2.68
C ILE A 116 -21.26 -23.53 1.56
N VAL A 117 -21.77 -24.69 1.17
CA VAL A 117 -22.77 -24.75 0.10
C VAL A 117 -24.01 -25.55 0.54
N LEU A 118 -25.20 -25.05 0.22
CA LEU A 118 -26.41 -25.74 0.63
C LEU A 118 -27.35 -25.96 -0.55
N SER A 119 -28.41 -26.73 -0.32
CA SER A 119 -29.39 -26.97 -1.37
C SER A 119 -30.06 -25.62 -1.59
N PRO A 120 -30.55 -25.36 -2.81
CA PRO A 120 -30.56 -26.22 -3.99
C PRO A 120 -29.27 -26.36 -4.77
N VAL A 121 -28.18 -25.75 -4.30
CA VAL A 121 -26.92 -25.83 -5.04
C VAL A 121 -26.21 -27.19 -4.89
N THR A 122 -26.39 -27.83 -3.73
CA THR A 122 -25.79 -29.14 -3.54
C THR A 122 -26.84 -30.09 -4.12
N VAL A 123 -26.43 -31.32 -4.43
CA VAL A 123 -27.32 -32.32 -5.01
C VAL A 123 -28.71 -32.51 -4.34
N ASN A 124 -28.79 -32.44 -3.02
CA ASN A 124 -30.09 -32.60 -2.36
C ASN A 124 -30.20 -31.81 -1.07
N ASP A 125 -31.34 -31.95 -0.39
CA ASP A 125 -31.59 -31.22 0.84
C ASP A 125 -30.91 -31.79 2.10
N GLU A 126 -30.13 -32.86 1.95
CA GLU A 126 -29.44 -33.45 3.09
C GLU A 126 -27.92 -33.31 2.91
N THR A 127 -27.54 -32.60 1.86
CA THR A 127 -26.14 -32.42 1.56
C THR A 127 -25.72 -31.02 1.90
N ILE A 128 -24.79 -30.91 2.85
CA ILE A 128 -24.24 -29.64 3.26
C ILE A 128 -22.73 -29.70 3.08
N SER A 129 -22.24 -29.03 2.05
CA SER A 129 -20.83 -29.00 1.72
C SER A 129 -20.04 -27.91 2.39
N ILE A 130 -19.03 -28.33 3.13
CA ILE A 130 -18.16 -27.42 3.87
C ILE A 130 -16.74 -27.68 3.42
N SER A 131 -15.96 -26.62 3.27
CA SER A 131 -14.58 -26.70 2.84
C SER A 131 -13.71 -25.70 3.59
N ILE A 132 -12.93 -26.15 4.56
CA ILE A 132 -12.07 -25.23 5.30
C ILE A 132 -10.61 -25.26 4.81
N ARG A 133 -10.03 -24.08 4.66
CA ARG A 133 -8.65 -23.95 4.21
C ARG A 133 -7.76 -23.64 5.41
N ILE A 134 -6.84 -24.56 5.72
CA ILE A 134 -5.91 -24.38 6.82
C ILE A 134 -4.74 -23.52 6.34
N PRO A 135 -4.58 -22.31 6.90
CA PRO A 135 -3.49 -21.42 6.49
C PRO A 135 -2.10 -22.01 6.75
N SER A 136 -1.08 -21.20 6.50
CA SER A 136 0.29 -21.58 6.71
C SER A 136 0.55 -21.32 8.20
N LYS A 137 0.58 -22.37 9.02
CA LYS A 137 0.82 -22.16 10.45
C LYS A 137 2.16 -22.64 10.98
N THR A 138 3.19 -22.57 10.14
CA THR A 138 4.52 -22.98 10.54
C THR A 138 5.49 -22.16 9.71
N THR A 139 6.71 -22.02 10.22
CA THR A 139 7.74 -21.26 9.53
C THR A 139 9.02 -22.07 9.52
N TYR A 140 9.38 -22.57 8.34
CA TYR A 140 10.60 -23.35 8.20
C TYR A 140 11.64 -22.40 7.66
N PRO A 141 12.87 -22.49 8.16
CA PRO A 141 13.91 -21.58 7.66
C PRO A 141 14.21 -21.88 6.21
N HIS A 142 14.77 -20.91 5.51
CA HIS A 142 15.10 -21.13 4.12
C HIS A 142 15.97 -22.37 4.02
N SER A 143 16.99 -22.45 4.86
CA SER A 143 17.89 -23.61 4.85
C SER A 143 17.10 -24.92 4.77
N PHE A 144 15.99 -24.97 5.49
CA PHE A 144 15.14 -26.15 5.50
C PHE A 144 14.70 -26.49 4.08
N PHE A 145 14.37 -25.47 3.30
CA PHE A 145 13.93 -25.65 1.92
C PHE A 145 15.07 -26.20 1.04
N GLU A 146 16.29 -25.70 1.25
CA GLU A 146 17.44 -26.16 0.48
C GLU A 146 17.73 -27.64 0.81
N GLU A 147 17.60 -27.97 2.10
CA GLU A 147 17.82 -29.33 2.57
C GLU A 147 16.86 -30.31 1.92
N GLN A 148 15.58 -29.95 1.92
CA GLN A 148 14.54 -30.78 1.33
C GLN A 148 14.67 -30.74 -0.20
N GLY A 149 15.72 -30.11 -0.70
CA GLY A 149 15.91 -30.05 -2.14
C GLY A 149 14.83 -29.30 -2.89
N PHE A 150 14.67 -28.02 -2.56
CA PHE A 150 13.68 -27.15 -3.18
C PHE A 150 14.15 -26.67 -4.54
N TYR A 151 15.45 -26.46 -4.67
CA TYR A 151 16.04 -25.97 -5.91
C TYR A 151 16.77 -27.11 -6.63
N ASN A 152 16.39 -28.35 -6.32
CA ASN A 152 17.03 -29.51 -6.91
C ASN A 152 16.70 -29.84 -8.39
N LEU A 153 15.53 -29.42 -8.86
CA LEU A 153 15.13 -29.66 -10.23
C LEU A 153 15.75 -28.61 -11.18
N LEU A 154 16.31 -27.56 -10.60
CA LEU A 154 16.91 -26.47 -11.37
C LEU A 154 18.32 -26.82 -11.77
N ASP A 155 18.70 -26.35 -12.95
CA ASP A 155 20.03 -26.60 -13.46
C ASP A 155 20.93 -25.48 -12.98
N ASN A 156 20.31 -24.34 -12.72
CA ASN A 156 21.03 -23.17 -12.24
C ASN A 156 20.81 -23.22 -10.75
N LYS A 157 21.15 -24.36 -10.16
CA LYS A 157 20.95 -24.56 -8.74
C LYS A 157 21.62 -23.53 -7.82
N GLU A 158 22.93 -23.31 -7.96
CA GLU A 158 23.60 -22.33 -7.10
C GLU A 158 23.22 -20.92 -7.47
N GLN A 159 23.06 -20.71 -8.78
CA GLN A 159 22.67 -19.39 -9.28
C GLN A 159 21.31 -18.96 -8.69
N ALA A 160 20.43 -19.94 -8.55
CA ALA A 160 19.09 -19.70 -8.05
C ALA A 160 19.10 -19.44 -6.55
N ILE A 161 19.77 -20.32 -5.83
CA ILE A 161 19.85 -20.20 -4.38
C ILE A 161 20.48 -18.90 -3.98
N SER A 162 21.41 -18.41 -4.80
CA SER A 162 22.07 -17.13 -4.51
C SER A 162 21.26 -15.94 -5.01
N ALA A 163 20.58 -16.14 -6.13
CA ALA A 163 19.77 -15.07 -6.71
C ALA A 163 18.74 -14.67 -5.69
N ILE A 164 17.98 -15.65 -5.22
CA ILE A 164 16.93 -15.39 -4.26
C ILE A 164 17.50 -14.66 -3.05
N LYS A 165 18.58 -15.19 -2.48
CA LYS A 165 19.18 -14.57 -1.31
C LYS A 165 19.61 -13.14 -1.58
N ASP A 166 20.49 -12.97 -2.55
CA ASP A 166 20.98 -11.64 -2.89
C ASP A 166 19.93 -10.72 -3.42
N GLY A 167 19.13 -11.21 -4.37
CA GLY A 167 18.09 -10.39 -4.95
C GLY A 167 17.20 -9.73 -3.92
N ILE A 168 16.55 -10.56 -3.11
CA ILE A 168 15.68 -10.06 -2.07
C ILE A 168 16.37 -9.08 -1.10
N ALA A 169 17.66 -9.31 -0.88
CA ALA A 169 18.41 -8.43 -0.01
C ALA A 169 18.54 -7.05 -0.62
N ILE A 170 18.47 -6.96 -1.95
CA ILE A 170 18.58 -5.69 -2.64
C ILE A 170 17.23 -5.08 -2.94
N GLY A 171 16.18 -5.84 -2.70
CA GLY A 171 14.85 -5.31 -2.87
C GLY A 171 14.32 -5.46 -4.30
N LYS A 172 14.49 -6.62 -4.92
CA LYS A 172 13.98 -6.82 -6.27
C LYS A 172 12.52 -7.18 -6.10
N ASN A 173 11.77 -7.14 -7.19
CA ASN A 173 10.36 -7.45 -7.15
C ASN A 173 10.33 -8.90 -7.51
N VAL A 174 9.82 -9.71 -6.60
CA VAL A 174 9.76 -11.15 -6.80
C VAL A 174 8.36 -11.74 -6.63
N ILE A 175 8.03 -12.67 -7.51
CA ILE A 175 6.72 -13.31 -7.45
C ILE A 175 6.95 -14.77 -7.32
N VAL A 176 6.19 -15.36 -6.41
CA VAL A 176 6.20 -16.78 -6.14
C VAL A 176 4.82 -17.26 -6.62
N CYS A 177 4.80 -18.14 -7.61
CA CYS A 177 3.54 -18.63 -8.15
C CYS A 177 3.45 -20.16 -8.17
N GLY A 178 2.25 -20.65 -8.44
CA GLY A 178 2.03 -22.09 -8.47
C GLY A 178 0.58 -22.41 -8.13
N GLY A 179 0.27 -23.69 -8.00
CA GLY A 179 -1.09 -24.08 -7.68
C GLY A 179 -1.43 -23.90 -6.21
N THR A 180 -2.67 -24.22 -5.87
CA THR A 180 -3.16 -24.12 -4.50
C THR A 180 -2.44 -25.07 -3.54
N GLY A 181 -1.99 -24.51 -2.42
CA GLY A 181 -1.30 -25.32 -1.44
C GLY A 181 0.06 -25.78 -1.91
N SER A 182 0.58 -25.18 -2.98
CA SER A 182 1.91 -25.54 -3.51
C SER A 182 3.06 -25.13 -2.60
N GLY A 183 2.76 -24.34 -1.58
CA GLY A 183 3.79 -23.93 -0.64
C GLY A 183 4.40 -22.59 -0.93
N LYS A 184 3.66 -21.73 -1.64
CA LYS A 184 4.14 -20.39 -2.01
C LYS A 184 4.31 -19.49 -0.77
N THR A 185 3.23 -19.30 -0.01
CA THR A 185 3.23 -18.49 1.19
C THR A 185 4.37 -18.96 2.10
N THR A 186 4.46 -20.26 2.27
CA THR A 186 5.51 -20.79 3.07
C THR A 186 6.89 -20.37 2.55
N TYR A 187 7.09 -20.51 1.26
CA TYR A 187 8.35 -20.15 0.67
C TYR A 187 8.69 -18.69 0.92
N ILE A 188 7.78 -17.77 0.62
CA ILE A 188 8.07 -16.36 0.80
C ILE A 188 8.39 -16.04 2.24
N LYS A 189 7.74 -16.75 3.16
CA LYS A 189 7.97 -16.55 4.60
C LYS A 189 9.38 -16.87 5.05
N SER A 190 10.01 -17.86 4.43
CA SER A 190 11.37 -18.22 4.82
C SER A 190 12.38 -17.29 4.19
N ILE A 191 12.18 -16.95 2.91
CA ILE A 191 13.10 -16.05 2.22
C ILE A 191 13.06 -14.61 2.75
N GLU A 193 14.04 -13.95 5.53
CA GLU A 193 15.24 -13.87 6.35
C GLU A 193 16.28 -12.96 5.74
N PHE A 194 16.24 -12.83 4.41
CA PHE A 194 17.23 -12.02 3.69
C PHE A 194 16.86 -10.57 3.41
N ILE A 195 15.98 -10.01 4.21
CA ILE A 195 15.57 -8.61 4.05
C ILE A 195 16.19 -7.91 5.24
N PRO A 196 17.06 -6.90 5.00
CA PRO A 196 17.70 -6.18 6.12
C PRO A 196 16.69 -5.94 7.23
N LYS A 197 17.03 -6.35 8.46
CA LYS A 197 16.15 -6.18 9.60
C LYS A 197 15.70 -4.76 9.91
N GLU A 198 16.28 -3.79 9.21
CA GLU A 198 15.95 -2.40 9.43
C GLU A 198 14.81 -1.95 8.53
N GLU A 199 14.40 -2.79 7.58
CA GLU A 199 13.35 -2.45 6.65
C GLU A 199 11.96 -2.46 7.29
N ARG A 200 11.18 -1.41 7.04
CA ARG A 200 9.82 -1.33 7.56
C ARG A 200 9.04 -2.10 6.54
N ILE A 201 8.32 -3.13 6.99
CA ILE A 201 7.54 -3.99 6.12
C ILE A 201 6.05 -3.90 6.35
N ILE A 202 5.30 -3.85 5.26
CA ILE A 202 3.85 -3.81 5.37
C ILE A 202 3.32 -4.96 4.53
N SER A 203 2.41 -5.73 5.12
CA SER A 203 1.85 -6.88 4.43
C SER A 203 0.35 -6.76 4.25
N ILE A 204 -0.12 -7.18 3.10
CA ILE A 204 -1.54 -7.17 2.80
C ILE A 204 -1.98 -8.61 2.72
N GLU A 205 -2.73 -9.03 3.72
CA GLU A 205 -3.21 -10.39 3.77
C GLU A 205 -4.71 -10.44 3.87
N ASP A 206 -5.20 -11.66 3.72
CA ASP A 206 -6.60 -11.99 3.76
C ASP A 206 -6.79 -12.76 5.06
N THR A 207 -5.77 -13.51 5.45
CA THR A 207 -5.76 -14.29 6.68
C THR A 207 -4.37 -14.14 7.24
N GLU A 208 -4.23 -13.85 8.53
CA GLU A 208 -2.90 -13.69 9.11
C GLU A 208 -2.15 -14.98 8.85
N GLU A 209 -1.04 -14.89 8.13
CA GLU A 209 -0.24 -16.06 7.79
C GLU A 209 1.23 -15.71 7.86
N ILE A 210 1.55 -14.51 7.41
CA ILE A 210 2.92 -14.06 7.43
C ILE A 210 3.31 -13.82 8.89
N VAL A 211 4.55 -14.15 9.22
CA VAL A 211 5.06 -13.93 10.57
C VAL A 211 6.36 -13.16 10.40
N PHE A 212 6.61 -12.22 11.31
CA PHE A 212 7.82 -11.42 11.24
C PHE A 212 8.79 -11.88 12.32
N LYS A 213 9.71 -12.74 11.93
CA LYS A 213 10.67 -13.28 12.90
C LYS A 213 11.95 -12.47 12.94
N HIS A 214 12.21 -11.68 11.91
CA HIS A 214 13.45 -10.92 11.88
C HIS A 214 13.21 -9.43 11.62
N HIS A 215 12.01 -8.95 11.92
CA HIS A 215 11.72 -7.57 11.64
C HIS A 215 10.88 -6.90 12.69
N LYS A 216 11.48 -5.98 13.44
CA LYS A 216 10.75 -5.28 14.48
C LYS A 216 9.81 -4.24 13.95
N ASN A 217 10.27 -3.45 12.98
CA ASN A 217 9.40 -2.40 12.43
C ASN A 217 8.56 -2.90 11.27
N TYR A 218 7.27 -3.04 11.49
CA TYR A 218 6.37 -3.54 10.45
C TYR A 218 4.91 -3.30 10.81
N THR A 219 4.01 -3.71 9.92
CA THR A 219 2.57 -3.53 10.14
C THR A 219 1.77 -4.42 9.20
N GLN A 220 0.77 -5.09 9.73
CA GLN A 220 -0.04 -5.98 8.92
C GLN A 220 -1.38 -5.37 8.54
N LEU A 221 -1.81 -5.64 7.32
CA LEU A 221 -3.07 -5.12 6.84
C LEU A 221 -3.93 -6.28 6.37
N PHE A 222 -5.23 -6.22 6.68
CA PHE A 222 -6.18 -7.25 6.27
C PHE A 222 -7.40 -6.69 5.56
N PHE A 223 -7.75 -7.32 4.44
CA PHE A 223 -8.94 -6.93 3.68
C PHE A 223 -10.05 -7.97 3.85
N GLY A 224 -11.30 -7.55 3.67
CA GLY A 224 -12.40 -8.48 3.83
C GLY A 224 -13.69 -7.77 4.17
N GLY A 225 -14.73 -8.03 3.39
CA GLY A 225 -15.99 -7.38 3.64
C GLY A 225 -16.03 -6.08 2.90
N ASN A 226 -16.27 -4.98 3.62
CA ASN A 226 -16.29 -3.68 2.92
C ASN A 226 -14.97 -3.26 2.48
N ILE A 227 -13.94 -3.55 3.27
CA ILE A 227 -12.58 -3.17 2.90
C ILE A 227 -11.97 -4.13 1.87
N THR A 228 -11.49 -3.57 0.76
CA THR A 228 -10.91 -4.35 -0.32
C THR A 228 -9.41 -4.41 -0.34
N SER A 229 -8.93 -5.39 -1.09
CA SER A 229 -7.51 -5.62 -1.24
C SER A 229 -6.81 -4.35 -1.70
N ALA A 230 -7.44 -3.67 -2.65
CA ALA A 230 -6.89 -2.44 -3.19
C ALA A 230 -6.81 -1.37 -2.11
N ASP A 231 -7.80 -1.35 -1.23
CA ASP A 231 -7.86 -0.38 -0.14
C ASP A 231 -6.65 -0.53 0.73
N CYS A 232 -6.30 -1.79 1.04
CA CYS A 232 -5.14 -2.01 1.87
C CYS A 232 -3.91 -1.50 1.16
N LEU A 233 -3.70 -1.97 -0.08
CA LEU A 233 -2.52 -1.55 -0.82
C LEU A 233 -2.43 -0.04 -0.98
N LYS A 234 -3.59 0.59 -1.12
CA LYS A 234 -3.60 2.02 -1.30
C LYS A 234 -3.19 2.68 0.01
N SER A 235 -3.63 2.12 1.13
CA SER A 235 -3.29 2.68 2.42
C SER A 235 -1.82 2.38 2.64
N CYS A 236 -1.42 1.19 2.21
CA CYS A 236 -0.05 0.75 2.37
C CYS A 236 0.89 1.81 1.82
N LEU A 237 0.65 2.22 0.58
CA LEU A 237 1.51 3.20 -0.05
C LEU A 237 1.50 4.55 0.66
N ARG A 238 0.77 4.65 1.76
CA ARG A 238 0.69 5.90 2.52
C ARG A 238 1.28 5.69 3.91
N ARG A 240 4.54 4.59 4.37
CA ARG A 240 6.01 4.57 4.20
C ARG A 240 6.69 3.21 4.33
N PRO A 241 6.33 2.25 3.47
CA PRO A 241 6.93 0.91 3.52
C PRO A 241 8.26 0.79 2.81
N ASP A 242 9.13 -0.09 3.30
CA ASP A 242 10.41 -0.33 2.65
C ASP A 242 10.20 -1.54 1.75
N ARG A 243 9.36 -2.45 2.24
CA ARG A 243 9.00 -3.67 1.52
C ARG A 243 7.51 -3.86 1.66
N ILE A 244 6.88 -4.30 0.58
CA ILE A 244 5.46 -4.55 0.61
C ILE A 244 5.24 -6.03 0.29
N ILE A 245 4.64 -6.75 1.22
CA ILE A 245 4.39 -8.16 0.99
C ILE A 245 2.92 -8.34 0.74
N LEU A 246 2.57 -8.55 -0.52
CA LEU A 246 1.19 -8.74 -0.91
C LEU A 246 0.87 -10.21 -0.81
N GLY A 247 0.10 -10.58 0.20
CA GLY A 247 -0.27 -11.97 0.41
C GLY A 247 -0.34 -12.69 -0.90
N GLU A 248 -1.23 -12.22 -1.77
CA GLU A 248 -1.35 -12.78 -3.11
C GLU A 248 -2.16 -11.89 -4.06
N LEU A 249 -1.51 -11.48 -5.14
CA LEU A 249 -2.21 -10.67 -6.11
C LEU A 249 -3.60 -11.25 -6.40
N ARG A 250 -4.62 -10.43 -6.29
CA ARG A 250 -5.94 -10.94 -6.52
C ARG A 250 -6.61 -10.52 -7.81
N SER A 251 -6.86 -9.22 -7.93
CA SER A 251 -7.52 -8.68 -9.12
C SER A 251 -7.75 -7.19 -8.93
N SER A 252 -8.02 -6.77 -7.68
CA SER A 252 -8.22 -5.37 -7.36
C SER A 252 -6.85 -4.70 -7.41
N GLU A 253 -5.92 -5.28 -6.65
CA GLU A 253 -4.56 -4.78 -6.57
C GLU A 253 -3.90 -4.90 -7.93
N ALA A 254 -4.34 -5.91 -8.67
CA ALA A 254 -3.81 -6.17 -10.00
C ALA A 254 -3.25 -4.93 -10.68
N TYR A 255 -4.11 -4.01 -11.07
CA TYR A 255 -3.66 -2.82 -11.77
C TYR A 255 -2.86 -1.87 -10.90
N ASP A 256 -3.35 -1.64 -9.69
CA ASP A 256 -2.64 -0.74 -8.79
C ASP A 256 -1.26 -1.22 -8.44
N PHE A 257 -1.02 -2.50 -8.71
CA PHE A 257 0.26 -3.12 -8.44
C PHE A 257 1.22 -2.73 -9.58
N TYR A 258 0.68 -2.60 -10.79
CA TYR A 258 1.43 -2.22 -11.97
C TYR A 258 1.97 -0.80 -11.83
N ASN A 259 1.10 0.08 -11.37
CA ASN A 259 1.47 1.47 -11.19
C ASN A 259 2.52 1.58 -10.12
N VAL A 260 2.39 0.76 -9.09
CA VAL A 260 3.35 0.77 -8.00
C VAL A 260 4.69 0.32 -8.53
N LEU A 261 4.67 -0.56 -9.53
CA LEU A 261 5.92 -1.02 -10.11
C LEU A 261 6.47 0.05 -11.03
N CYS A 262 5.57 0.78 -11.70
CA CYS A 262 5.93 1.86 -12.62
C CYS A 262 6.55 3.06 -11.94
N SER A 263 6.28 3.24 -10.65
CA SER A 263 6.85 4.35 -9.91
C SER A 263 8.22 3.90 -9.40
N GLY A 264 8.66 2.73 -9.83
CA GLY A 264 9.94 2.21 -9.40
C GLY A 264 9.99 1.93 -7.93
N HIS A 265 9.01 1.19 -7.42
CA HIS A 265 9.01 0.92 -5.99
C HIS A 265 9.91 -0.23 -5.53
N LYS A 266 10.63 -0.06 -4.44
CA LYS A 266 11.53 -1.03 -3.87
C LYS A 266 11.26 -2.58 -3.91
N GLY A 267 11.24 -3.17 -2.72
CA GLY A 267 11.09 -4.60 -2.57
C GLY A 267 9.65 -5.09 -2.49
N THR A 268 9.16 -5.66 -3.58
CA THR A 268 7.82 -6.18 -3.65
C THR A 268 7.92 -7.68 -3.71
N LEU A 269 7.10 -8.37 -2.92
CA LEU A 269 7.15 -9.82 -2.94
C LEU A 269 5.71 -10.27 -2.84
N THR A 270 5.30 -11.10 -3.79
CA THR A 270 3.93 -11.58 -3.77
C THR A 270 3.73 -12.96 -4.38
N THR A 271 2.74 -13.67 -3.87
CA THR A 271 2.42 -14.99 -4.38
C THR A 271 1.24 -14.84 -5.34
N LEU A 272 1.15 -15.76 -6.28
CA LEU A 272 0.11 -15.72 -7.29
C LEU A 272 -0.22 -17.07 -7.89
N HIS A 273 -1.48 -17.21 -8.33
CA HIS A 273 -1.90 -18.45 -8.95
C HIS A 273 -1.52 -18.37 -10.41
N ALA A 274 -0.50 -19.13 -10.77
CA ALA A 274 -0.03 -19.16 -12.14
C ALA A 274 0.76 -20.44 -12.29
N GLY A 275 0.66 -21.04 -13.46
CA GLY A 275 1.35 -22.29 -13.73
C GLY A 275 2.78 -22.13 -14.19
N SER A 276 3.22 -20.89 -14.38
CA SER A 276 4.60 -20.62 -14.79
C SER A 276 4.93 -19.13 -14.95
N SER A 277 6.17 -18.87 -15.32
CA SER A 277 6.64 -17.50 -15.50
C SER A 277 5.84 -16.85 -16.61
N GLU A 278 5.91 -17.41 -17.81
CA GLU A 278 5.18 -16.82 -18.91
C GLU A 278 3.71 -16.68 -18.58
N GLU A 279 3.16 -17.64 -17.85
CA GLU A 279 1.76 -17.58 -17.46
C GLU A 279 1.51 -16.41 -16.48
N ALA A 280 2.34 -16.29 -15.46
CA ALA A 280 2.21 -15.23 -14.47
C ALA A 280 2.10 -13.88 -15.18
N PHE A 281 2.92 -13.67 -16.19
CA PHE A 281 2.93 -12.42 -16.94
C PHE A 281 1.58 -12.13 -17.61
N ILE A 282 0.96 -13.18 -18.14
CA ILE A 282 -0.33 -13.08 -18.81
C ILE A 282 -1.37 -12.89 -17.73
N ARG A 283 -1.21 -13.67 -16.67
CA ARG A 283 -2.09 -13.64 -15.51
C ARG A 283 -2.24 -12.18 -15.00
N LEU A 284 -1.12 -11.48 -14.93
CA LEU A 284 -1.11 -10.10 -14.46
C LEU A 284 -1.83 -9.17 -15.43
N ALA A 285 -1.44 -9.21 -16.70
CA ALA A 285 -2.10 -8.35 -17.70
C ALA A 285 -3.62 -8.52 -17.60
N ASN A 286 -4.07 -9.75 -17.52
CA ASN A 286 -5.49 -10.02 -17.41
C ASN A 286 -6.11 -9.23 -16.26
N SER A 288 -5.13 -6.85 -14.44
CA SER A 288 -4.99 -5.42 -14.56
C SER A 288 -6.11 -4.85 -15.45
N SER A 289 -6.28 -5.47 -16.62
CA SER A 289 -7.29 -5.04 -17.59
C SER A 289 -8.72 -5.09 -17.04
N SER A 290 -8.90 -5.74 -15.89
CA SER A 290 -10.23 -5.81 -15.29
C SER A 290 -10.53 -4.46 -14.64
N ASN A 291 -9.49 -3.76 -14.21
CA ASN A 291 -9.69 -2.46 -13.59
C ASN A 291 -9.95 -1.37 -14.63
N SER A 292 -11.03 -0.63 -14.40
CA SER A 292 -11.44 0.44 -15.29
C SER A 292 -10.28 1.34 -15.67
N ALA A 293 -9.48 1.73 -14.68
CA ALA A 293 -8.34 2.62 -14.92
C ALA A 293 -7.42 2.12 -16.02
N ALA A 294 -7.53 0.83 -16.34
CA ALA A 294 -6.70 0.24 -17.37
C ALA A 294 -7.42 0.31 -18.72
N ARG A 295 -8.69 0.66 -18.68
CA ARG A 295 -9.53 0.76 -19.87
C ARG A 295 -8.84 1.23 -21.15
N ASN A 296 -8.06 2.31 -21.07
CA ASN A 296 -7.41 2.86 -22.25
C ASN A 296 -5.98 2.38 -22.50
N ILE A 297 -5.60 1.28 -21.84
CA ILE A 297 -4.26 0.75 -22.00
C ILE A 297 -4.20 -0.59 -22.76
N LYS A 298 -3.47 -0.59 -23.88
CA LYS A 298 -3.31 -1.78 -24.70
C LYS A 298 -2.91 -3.02 -23.88
N PHE A 299 -3.68 -4.09 -24.02
CA PHE A 299 -3.38 -5.34 -23.31
C PHE A 299 -1.93 -5.80 -23.49
N GLU A 300 -1.49 -5.99 -24.72
CA GLU A 300 -0.10 -6.41 -24.97
C GLU A 300 0.89 -5.35 -24.43
N SER A 301 0.35 -4.22 -23.96
CA SER A 301 1.18 -3.15 -23.42
C SER A 301 1.42 -3.41 -21.94
N LEU A 302 0.48 -4.11 -21.30
CA LEU A 302 0.61 -4.46 -19.89
C LEU A 302 1.63 -5.58 -19.72
N ILE A 303 1.48 -6.65 -20.50
CA ILE A 303 2.41 -7.77 -20.40
C ILE A 303 3.83 -7.26 -20.51
N GLU A 304 4.11 -6.48 -21.54
CA GLU A 304 5.46 -5.96 -21.65
C GLU A 304 5.78 -5.15 -20.42
N GLY A 305 4.77 -4.43 -19.92
CA GLY A 305 4.97 -3.62 -18.73
C GLY A 305 5.40 -4.44 -17.55
N PHE A 306 4.70 -5.54 -17.29
CA PHE A 306 5.05 -6.37 -16.15
C PHE A 306 6.38 -7.05 -16.37
N LYS A 307 6.71 -7.29 -17.63
CA LYS A 307 7.94 -7.97 -17.97
C LYS A 307 9.18 -7.10 -17.80
N ASP A 308 8.99 -5.80 -17.66
CA ASP A 308 10.13 -4.90 -17.47
C ASP A 308 10.36 -4.73 -15.98
N LEU A 309 9.25 -4.73 -15.25
CA LEU A 309 9.21 -4.52 -13.80
C LEU A 309 9.52 -5.71 -12.90
N ILE A 310 8.96 -6.87 -13.19
CA ILE A 310 9.20 -8.05 -12.34
C ILE A 310 10.62 -8.60 -12.52
N ASP A 311 11.39 -8.52 -11.45
CA ASP A 311 12.78 -8.96 -11.43
C ASP A 311 13.02 -10.44 -11.50
N ILE A 313 10.88 -14.50 -10.96
CA ILE A 313 9.71 -15.32 -10.64
C ILE A 313 10.15 -16.73 -10.29
N VAL A 314 9.49 -17.29 -9.27
CA VAL A 314 9.75 -18.65 -8.82
C VAL A 314 8.45 -19.44 -8.89
N HIS A 315 8.44 -20.54 -9.64
CA HIS A 315 7.23 -21.35 -9.72
C HIS A 315 7.48 -22.67 -9.00
N ILE A 316 6.46 -23.17 -8.31
CA ILE A 316 6.53 -24.41 -7.55
C ILE A 316 5.49 -25.43 -8.05
N ASN A 317 5.94 -26.64 -8.42
CA ASN A 317 5.01 -27.65 -8.90
C ASN A 317 4.17 -28.23 -7.76
N HIS A 318 3.32 -29.21 -8.08
CA HIS A 318 2.44 -29.78 -7.05
C HIS A 318 3.19 -30.63 -6.01
N HIS A 319 4.47 -30.86 -6.26
CA HIS A 319 5.31 -31.65 -5.36
C HIS A 319 6.17 -30.77 -4.47
N LYS A 320 5.73 -29.52 -4.34
CA LYS A 320 6.40 -28.52 -3.52
C LYS A 320 7.88 -28.45 -3.85
N GLN A 321 8.16 -28.12 -5.10
CA GLN A 321 9.54 -28.02 -5.57
C GLN A 321 9.62 -26.98 -6.67
N CYS A 322 10.67 -26.17 -6.64
CA CYS A 322 10.83 -25.16 -7.68
C CYS A 322 11.15 -25.89 -8.96
N ASP A 323 10.47 -25.50 -10.03
CA ASP A 323 10.69 -26.13 -11.31
C ASP A 323 10.96 -25.07 -12.39
N GLU A 324 10.96 -23.80 -11.98
CA GLU A 324 11.24 -22.69 -12.89
C GLU A 324 11.73 -21.49 -12.10
N PHE A 325 12.89 -20.97 -12.46
CA PHE A 325 13.43 -19.81 -11.75
C PHE A 325 13.76 -18.69 -12.71
N TYR A 326 12.72 -18.01 -13.17
CA TYR A 326 12.85 -16.89 -14.11
C TYR A 326 13.51 -15.72 -13.41
N ILE A 327 14.43 -15.07 -14.13
CA ILE A 327 15.19 -13.91 -13.63
C ILE A 327 15.33 -12.84 -14.72
N LYS A 328 15.58 -11.60 -14.28
CA LYS A 328 15.75 -10.46 -15.17
C LYS A 328 14.55 -10.34 -16.09
N LEU B 6 -8.07 48.29 9.25
CA LEU B 6 -8.61 47.10 8.54
C LEU B 6 -8.54 45.82 9.40
N SER B 7 -7.42 45.66 10.11
CA SER B 7 -7.22 44.49 10.96
C SER B 7 -8.33 44.36 11.99
N ALA B 8 -8.82 45.50 12.50
CA ALA B 8 -9.91 45.51 13.49
C ALA B 8 -11.20 44.92 12.92
N GLU B 9 -11.47 45.21 11.64
CA GLU B 9 -12.65 44.66 10.99
C GLU B 9 -12.35 43.25 10.47
N ASP B 10 -11.14 43.04 9.95
CA ASP B 10 -10.74 41.72 9.44
C ASP B 10 -10.93 40.67 10.55
N LYS B 11 -10.60 41.06 11.78
CA LYS B 11 -10.74 40.18 12.94
C LYS B 11 -12.22 39.85 13.19
N LYS B 12 -13.05 40.89 13.27
CA LYS B 12 -14.47 40.67 13.49
C LYS B 12 -15.07 39.93 12.32
N PHE B 13 -14.44 40.05 11.16
CA PHE B 13 -14.96 39.36 10.00
C PHE B 13 -14.56 37.89 9.97
N LEU B 14 -13.39 37.59 10.52
CA LEU B 14 -12.86 36.22 10.59
C LEU B 14 -13.44 35.50 11.79
N GLU B 15 -13.73 36.29 12.81
CA GLU B 15 -14.25 35.78 14.04
C GLU B 15 -15.08 34.51 13.94
N VAL B 16 -16.12 34.51 13.10
CA VAL B 16 -17.00 33.33 13.00
C VAL B 16 -16.35 32.08 12.48
N GLU B 17 -15.59 32.23 11.40
CA GLU B 17 -14.92 31.07 10.83
C GLU B 17 -13.81 30.60 11.76
N ARG B 18 -13.00 31.53 12.24
CA ARG B 18 -11.92 31.18 13.17
C ARG B 18 -12.45 30.40 14.38
N ALA B 19 -13.48 30.92 15.04
CA ALA B 19 -14.08 30.24 16.18
C ALA B 19 -14.35 28.79 15.82
N LEU B 20 -15.14 28.58 14.75
CA LEU B 20 -15.46 27.23 14.28
C LEU B 20 -14.23 26.38 14.04
N LYS B 21 -13.34 26.84 13.17
CA LYS B 21 -12.12 26.09 12.88
C LYS B 21 -11.34 25.81 14.17
N GLU B 22 -11.02 26.87 14.91
CA GLU B 22 -10.26 26.75 16.15
C GLU B 22 -11.00 26.03 17.29
N ALA B 23 -12.18 25.50 16.99
CA ALA B 23 -12.95 24.77 18.00
C ALA B 23 -12.83 23.28 17.70
N ALA B 24 -12.14 22.97 16.59
CA ALA B 24 -11.88 21.61 16.12
C ALA B 24 -10.39 21.40 15.96
N LEU B 25 -9.66 22.51 15.86
CA LEU B 25 -8.21 22.47 15.70
C LEU B 25 -7.50 22.45 17.06
N ASN B 26 -8.14 22.98 18.09
CA ASN B 26 -7.51 22.96 19.41
C ASN B 26 -7.53 21.54 19.98
N PRO B 27 -8.68 20.85 19.91
CA PRO B 27 -8.70 19.50 20.45
C PRO B 27 -7.61 18.66 19.79
N LEU B 28 -7.44 18.88 18.49
CA LEU B 28 -6.45 18.16 17.72
C LEU B 28 -5.04 18.57 18.06
N ARG B 29 -4.83 19.84 18.37
CA ARG B 29 -3.51 20.33 18.73
C ARG B 29 -2.96 19.72 20.01
N HIS B 30 -3.81 19.63 21.02
CA HIS B 30 -3.41 19.07 22.29
C HIS B 30 -3.16 17.58 22.14
N ALA B 31 -4.01 16.89 21.38
CA ALA B 31 -3.83 15.46 21.19
C ALA B 31 -2.50 15.25 20.48
N THR B 32 -2.33 15.95 19.37
CA THR B 32 -1.09 15.88 18.60
C THR B 32 0.07 16.12 19.57
N GLU B 33 0.08 17.31 20.15
CA GLU B 33 1.09 17.69 21.13
C GLU B 33 1.30 16.57 22.14
N GLU B 34 0.21 16.11 22.74
CA GLU B 34 0.23 15.06 23.74
C GLU B 34 0.92 13.79 23.31
N LEU B 35 0.64 13.32 22.10
CA LEU B 35 1.24 12.08 21.60
C LEU B 35 2.56 12.27 20.88
N PHE B 36 2.49 12.76 19.66
CA PHE B 36 3.70 12.91 18.88
C PHE B 36 4.39 14.26 19.02
N GLY B 37 4.15 14.95 20.13
CA GLY B 37 4.78 16.24 20.34
C GLY B 37 6.30 16.15 20.28
N ASP B 38 6.88 15.26 21.09
CA ASP B 38 8.33 15.07 21.15
C ASP B 38 8.97 14.78 19.83
N PHE B 39 8.39 13.82 19.11
CA PHE B 39 8.91 13.40 17.82
C PHE B 39 8.85 14.47 16.77
N LEU B 40 7.75 15.21 16.76
CA LEU B 40 7.59 16.27 15.78
C LEU B 40 8.69 17.31 15.93
N LYS B 41 9.23 17.46 17.15
CA LYS B 41 10.31 18.41 17.42
C LYS B 41 11.69 17.96 16.87
N GLU B 43 14.73 17.08 14.63
CA GLU B 43 15.27 17.63 13.40
C GLU B 43 15.56 16.51 12.39
N ASN B 44 15.58 16.86 11.11
CA ASN B 44 15.88 15.94 10.01
C ASN B 44 15.17 14.58 9.95
N ILE B 45 13.88 14.56 10.27
CA ILE B 45 13.11 13.32 10.23
C ILE B 45 12.23 13.39 9.00
N THR B 46 11.74 12.25 8.53
CA THR B 46 10.89 12.25 7.35
C THR B 46 9.54 11.54 7.55
N GLU B 47 9.42 10.76 8.61
CA GLU B 47 8.18 10.06 8.90
C GLU B 47 8.13 9.64 10.37
N ILE B 48 6.94 9.52 10.91
CA ILE B 48 6.77 9.11 12.29
C ILE B 48 5.71 8.03 12.23
N CYS B 49 6.08 6.78 12.48
CA CYS B 49 5.08 5.72 12.44
C CYS B 49 4.80 5.11 13.80
N TYR B 50 3.61 4.55 13.96
CA TYR B 50 3.22 3.87 15.20
C TYR B 50 2.51 2.60 14.78
N ASN B 51 3.00 1.48 15.28
CA ASN B 51 2.48 0.20 14.88
C ASN B 51 1.67 -0.45 16.00
N GLY B 52 1.01 0.41 16.78
CA GLY B 52 0.17 0.00 17.89
C GLY B 52 0.75 -1.11 18.73
N ASN B 53 2.06 -1.02 18.95
CA ASN B 53 2.78 -2.02 19.71
C ASN B 53 3.69 -1.34 20.73
N LYS B 54 3.25 -0.17 21.20
CA LYS B 54 3.96 0.61 22.20
C LYS B 54 5.34 1.17 21.81
N VAL B 55 5.67 1.15 20.52
CA VAL B 55 6.97 1.68 20.10
C VAL B 55 6.76 2.65 18.96
N VAL B 56 7.43 3.80 19.04
CA VAL B 56 7.34 4.77 17.96
C VAL B 56 8.59 4.78 17.11
N TRP B 57 8.38 4.49 15.84
CA TRP B 57 9.43 4.44 14.85
C TRP B 57 9.55 5.74 14.09
N VAL B 58 10.74 6.30 14.07
CA VAL B 58 10.97 7.56 13.35
C VAL B 58 12.03 7.34 12.27
N LEU B 59 11.74 7.79 11.05
CA LEU B 59 12.68 7.66 9.93
C LEU B 59 13.42 8.97 9.75
N LYS B 60 14.75 8.90 9.78
CA LYS B 60 15.57 10.09 9.68
C LYS B 60 15.98 10.35 8.25
N ASN B 61 16.37 11.59 7.95
CA ASN B 61 16.82 11.97 6.62
C ASN B 61 17.89 11.04 6.09
N ASN B 62 18.75 10.55 6.97
CA ASN B 62 19.83 9.67 6.55
C ASN B 62 19.34 8.26 6.26
N GLY B 63 18.01 8.11 6.19
CA GLY B 63 17.39 6.84 5.86
C GLY B 63 17.38 5.78 6.95
N GLU B 64 17.67 6.19 8.18
CA GLU B 64 17.73 5.27 9.30
C GLU B 64 16.45 5.27 10.17
N TRP B 65 15.97 4.08 10.52
CA TRP B 65 14.77 3.95 11.32
C TRP B 65 15.20 3.89 12.75
N GLN B 66 14.64 4.76 13.61
CA GLN B 66 14.97 4.77 15.06
C GLN B 66 13.71 4.50 15.91
N PRO B 67 13.69 3.43 16.71
CA PRO B 67 12.59 3.02 17.58
C PRO B 67 12.68 3.73 18.94
N PHE B 68 11.52 4.10 19.46
CA PHE B 68 11.45 4.81 20.74
C PHE B 68 10.40 4.12 21.55
N ASP B 69 10.73 3.83 22.80
CA ASP B 69 9.82 3.14 23.69
C ASP B 69 8.81 4.09 24.36
N VAL B 70 7.52 3.73 24.36
CA VAL B 70 6.47 4.55 24.99
C VAL B 70 5.54 3.69 25.83
N ARG B 71 6.07 2.54 26.24
CA ARG B 71 5.34 1.59 27.06
C ARG B 71 4.69 2.28 28.26
N ASP B 72 5.42 3.23 28.84
CA ASP B 72 4.96 3.94 30.02
C ASP B 72 4.60 5.38 29.71
N ARG B 73 3.55 5.57 28.92
CA ARG B 73 3.07 6.89 28.56
C ARG B 73 1.58 6.78 28.45
N LYS B 74 0.87 7.76 28.98
CA LYS B 74 -0.60 7.78 28.95
C LYS B 74 -1.09 8.09 27.54
N ALA B 75 -0.37 8.96 26.85
CA ALA B 75 -0.72 9.38 25.49
C ALA B 75 -0.83 8.21 24.53
N PHE B 76 -0.40 7.04 24.98
CA PHE B 76 -0.50 5.87 24.13
C PHE B 76 -1.39 4.78 24.72
N SER B 77 -2.59 5.21 25.11
CA SER B 77 -3.61 4.32 25.67
C SER B 77 -4.63 4.11 24.54
N LEU B 78 -5.15 2.91 24.37
CA LEU B 78 -6.13 2.74 23.31
C LEU B 78 -7.11 3.93 23.24
N SER B 79 -7.56 4.41 24.39
CA SER B 79 -8.50 5.54 24.42
C SER B 79 -7.84 6.84 23.98
N ARG B 80 -6.74 7.20 24.64
CA ARG B 80 -5.95 8.39 24.31
C ARG B 80 -5.59 8.45 22.82
N LEU B 81 -5.34 7.28 22.24
CA LEU B 81 -5.00 7.17 20.83
C LEU B 81 -6.24 7.43 19.98
N HIS B 83 -8.96 9.06 20.75
CA HIS B 83 -9.38 10.44 20.82
C HIS B 83 -8.59 11.27 19.81
N PHE B 84 -7.29 10.98 19.68
CA PHE B 84 -6.47 11.72 18.74
C PHE B 84 -6.91 11.33 17.32
N ALA B 85 -7.23 10.05 17.12
CA ALA B 85 -7.66 9.59 15.81
C ALA B 85 -8.89 10.34 15.38
N ARG B 86 -9.92 10.33 16.23
CA ARG B 86 -11.16 11.02 15.92
C ARG B 86 -10.89 12.49 15.63
N CYS B 87 -9.98 13.07 16.38
CA CYS B 87 -9.65 14.48 16.18
C CYS B 87 -9.16 14.70 14.77
N CYS B 88 -8.49 13.70 14.23
CA CYS B 88 -8.02 13.82 12.88
C CYS B 88 -9.15 13.71 11.87
N ALA B 89 -10.04 12.76 12.09
CA ALA B 89 -11.15 12.57 11.18
C ALA B 89 -11.92 13.87 11.12
N SER B 90 -12.58 14.21 12.22
CA SER B 90 -13.36 15.43 12.30
C SER B 90 -12.66 16.68 11.74
N PHE B 91 -11.36 16.83 11.97
CA PHE B 91 -10.64 17.99 11.46
C PHE B 91 -10.87 18.14 9.95
N LYS B 92 -10.60 17.08 9.22
CA LYS B 92 -10.78 17.10 7.77
C LYS B 92 -12.20 16.67 7.41
N LYS B 93 -13.09 16.77 8.38
CA LYS B 93 -14.47 16.39 8.17
C LYS B 93 -14.63 14.99 7.60
N LYS B 94 -14.17 14.00 8.37
CA LYS B 94 -14.28 12.61 7.97
C LYS B 94 -14.60 11.85 9.25
N THR B 95 -14.85 10.57 9.13
CA THR B 95 -15.20 9.75 10.28
C THR B 95 -14.23 8.58 10.35
N ILE B 96 -13.91 8.13 11.57
CA ILE B 96 -13.05 6.97 11.69
C ILE B 96 -13.60 6.01 12.74
N ASP B 97 -13.89 4.78 12.33
CA ASP B 97 -14.45 3.80 13.24
C ASP B 97 -13.96 2.41 12.88
N ASN B 98 -14.47 1.41 13.58
CA ASN B 98 -14.08 0.02 13.36
C ASN B 98 -15.04 -0.78 12.45
N TYR B 99 -15.81 -0.08 11.62
CA TYR B 99 -16.74 -0.75 10.73
C TYR B 99 -16.55 -0.27 9.30
N GLU B 100 -17.31 0.74 8.89
CA GLU B 100 -17.15 1.21 7.52
C GLU B 100 -15.94 2.11 7.27
N ASN B 101 -15.49 2.85 8.28
CA ASN B 101 -14.34 3.77 8.14
C ASN B 101 -13.18 3.36 9.05
N PRO B 102 -12.57 2.22 8.79
CA PRO B 102 -11.46 1.75 9.61
C PRO B 102 -10.15 2.40 9.18
N ILE B 103 -10.04 2.68 7.88
CA ILE B 103 -8.84 3.33 7.31
C ILE B 103 -9.14 4.83 7.30
N LEU B 104 -8.10 5.64 7.49
CA LEU B 104 -8.26 7.09 7.49
C LEU B 104 -7.04 7.79 6.88
N SER B 105 -7.31 8.95 6.29
CA SER B 105 -6.29 9.79 5.69
C SER B 105 -6.76 11.19 6.04
N SER B 106 -5.89 11.96 6.67
CA SER B 106 -6.23 13.32 7.09
C SER B 106 -4.94 14.09 7.29
N ASN B 107 -5.01 15.13 8.11
CA ASN B 107 -3.84 15.94 8.40
C ASN B 107 -3.79 16.41 9.85
N LEU B 108 -2.64 16.95 10.22
CA LEU B 108 -2.43 17.49 11.56
C LEU B 108 -2.68 18.98 11.55
N ALA B 109 -2.73 19.58 12.75
CA ALA B 109 -2.94 21.01 12.91
C ALA B 109 -2.11 21.88 11.94
N ASN B 110 -0.87 21.47 11.67
CA ASN B 110 0.01 22.23 10.78
C ASN B 110 0.07 21.79 9.32
N GLY B 111 -0.61 20.71 8.96
CA GLY B 111 -0.62 20.28 7.58
C GLY B 111 0.00 18.95 7.18
N GLU B 112 0.71 18.28 8.09
CA GLU B 112 1.35 17.00 7.76
C GLU B 112 0.33 15.89 7.53
N ARG B 113 0.55 15.10 6.49
CA ARG B 113 -0.35 14.01 6.14
C ARG B 113 -0.37 12.92 7.21
N VAL B 114 -1.53 12.39 7.49
CA VAL B 114 -1.66 11.35 8.50
C VAL B 114 -2.44 10.16 7.99
N GLN B 115 -1.88 8.96 8.21
CA GLN B 115 -2.52 7.72 7.78
C GLN B 115 -2.82 6.90 9.02
N ILE B 116 -4.11 6.73 9.32
CA ILE B 116 -4.54 5.96 10.48
C ILE B 116 -5.30 4.71 10.10
N VAL B 117 -4.93 3.58 10.70
CA VAL B 117 -5.59 2.32 10.44
C VAL B 117 -6.06 1.60 11.72
N LEU B 118 -7.29 1.09 11.71
CA LEU B 118 -7.83 0.44 12.90
C LEU B 118 -8.31 -0.95 12.59
N SER B 119 -8.70 -1.67 13.64
CA SER B 119 -9.21 -3.03 13.47
C SER B 119 -10.58 -2.82 12.84
N PRO B 120 -11.07 -3.77 12.05
CA PRO B 120 -10.49 -5.05 11.67
C PRO B 120 -9.35 -5.05 10.67
N VAL B 121 -8.94 -3.90 10.17
CA VAL B 121 -7.85 -3.86 9.19
C VAL B 121 -6.45 -4.13 9.77
N THR B 122 -6.24 -3.70 11.00
CA THR B 122 -4.96 -3.94 11.67
C THR B 122 -5.11 -5.37 12.21
N VAL B 123 -3.98 -6.01 12.53
CA VAL B 123 -4.00 -7.37 13.07
C VAL B 123 -4.97 -7.69 14.23
N ASN B 124 -5.15 -6.77 15.17
CA ASN B 124 -6.07 -6.97 16.29
C ASN B 124 -6.76 -5.70 16.76
N ASP B 125 -7.56 -5.82 17.80
CA ASP B 125 -8.26 -4.67 18.33
C ASP B 125 -7.43 -3.78 19.27
N GLU B 126 -6.14 -4.07 19.42
CA GLU B 126 -5.29 -3.24 20.28
C GLU B 126 -4.22 -2.59 19.42
N THR B 127 -4.29 -2.83 18.13
CA THR B 127 -3.33 -2.24 17.22
C THR B 127 -3.94 -1.08 16.47
N ILE B 128 -3.35 0.09 16.67
CA ILE B 128 -3.76 1.32 16.02
C ILE B 128 -2.54 1.86 15.28
N SER B 129 -2.55 1.69 13.97
CA SER B 129 -1.45 2.13 13.13
C SER B 129 -1.56 3.56 12.64
N ILE B 130 -0.55 4.37 12.97
CA ILE B 130 -0.51 5.78 12.58
C ILE B 130 0.78 5.97 11.81
N SER B 131 0.70 6.77 10.75
CA SER B 131 1.85 7.04 9.91
C SER B 131 1.88 8.51 9.55
N ILE B 132 2.76 9.26 10.19
CA ILE B 132 2.85 10.68 9.91
C ILE B 132 4.03 11.04 9.02
N ARG B 133 3.74 11.83 7.99
CA ARG B 133 4.74 12.27 7.03
C ARG B 133 5.13 13.73 7.19
N ILE B 134 6.39 13.94 7.53
CA ILE B 134 6.94 15.27 7.73
C ILE B 134 7.29 15.93 6.39
N PRO B 135 6.62 17.05 6.06
CA PRO B 135 6.89 17.75 4.80
C PRO B 135 8.29 18.32 4.72
N SER B 136 8.58 18.98 3.61
CA SER B 136 9.88 19.60 3.38
C SER B 136 9.88 20.94 4.14
N LYS B 137 10.44 20.97 5.34
CA LYS B 137 10.45 22.22 6.12
C LYS B 137 11.77 22.98 6.18
N THR B 138 12.55 22.92 5.09
CA THR B 138 13.82 23.62 5.03
C THR B 138 14.12 23.92 3.57
N THR B 139 14.96 24.91 3.34
CA THR B 139 15.33 25.29 1.99
C THR B 139 16.84 25.46 1.91
N TYR B 140 17.49 24.54 1.19
CA TYR B 140 18.93 24.64 1.02
C TYR B 140 19.13 25.22 -0.35
N PRO B 141 20.08 26.14 -0.48
CA PRO B 141 20.31 26.74 -1.80
C PRO B 141 20.78 25.68 -2.79
N HIS B 142 20.69 25.99 -4.08
CA HIS B 142 21.11 25.04 -5.07
C HIS B 142 22.57 24.72 -4.82
N SER B 143 23.39 25.76 -4.66
CA SER B 143 24.82 25.57 -4.39
C SER B 143 25.06 24.46 -3.35
N PHE B 144 24.21 24.40 -2.33
CA PHE B 144 24.30 23.40 -1.28
C PHE B 144 24.19 22.01 -1.89
N PHE B 145 23.35 21.86 -2.90
CA PHE B 145 23.18 20.57 -3.57
C PHE B 145 24.46 20.20 -4.33
N GLU B 146 25.06 21.16 -5.03
CA GLU B 146 26.28 20.93 -5.79
C GLU B 146 27.42 20.52 -4.85
N GLU B 147 27.51 21.21 -3.72
CA GLU B 147 28.53 20.93 -2.71
C GLU B 147 28.44 19.50 -2.20
N GLN B 148 27.22 19.08 -1.86
CA GLN B 148 26.97 17.74 -1.35
C GLN B 148 27.11 16.73 -2.50
N GLY B 149 27.53 17.21 -3.67
CA GLY B 149 27.71 16.35 -4.83
C GLY B 149 26.44 15.68 -5.31
N PHE B 150 25.49 16.50 -5.74
CA PHE B 150 24.18 16.03 -6.23
C PHE B 150 24.31 15.56 -7.67
N TYR B 151 25.19 16.22 -8.42
CA TYR B 151 25.40 15.87 -9.81
C TYR B 151 26.72 15.11 -10.00
N ASN B 152 27.18 14.48 -8.93
CA ASN B 152 28.45 13.75 -8.97
C ASN B 152 28.46 12.39 -9.69
N LEU B 153 27.31 11.72 -9.73
CA LEU B 153 27.20 10.41 -10.40
C LEU B 153 27.04 10.60 -11.93
N LEU B 154 26.78 11.84 -12.33
CA LEU B 154 26.59 12.13 -13.75
C LEU B 154 27.92 12.32 -14.43
N ASP B 155 27.96 11.95 -15.70
CA ASP B 155 29.17 12.08 -16.48
C ASP B 155 29.14 13.44 -17.14
N ASN B 156 27.91 13.92 -17.37
CA ASN B 156 27.66 15.22 -17.99
C ASN B 156 27.48 16.15 -16.82
N LYS B 157 28.45 16.11 -15.92
CA LYS B 157 28.39 16.93 -14.72
C LYS B 157 28.19 18.45 -14.95
N GLU B 158 29.05 19.07 -15.75
CA GLU B 158 28.90 20.49 -15.97
C GLU B 158 27.70 20.80 -16.86
N GLN B 159 27.51 19.94 -17.85
CA GLN B 159 26.40 20.08 -18.78
C GLN B 159 25.07 20.06 -18.02
N ALA B 160 25.03 19.22 -16.99
CA ALA B 160 23.83 19.06 -16.18
C ALA B 160 23.59 20.25 -15.27
N ILE B 161 24.63 20.63 -14.53
CA ILE B 161 24.52 21.77 -13.62
C ILE B 161 24.17 23.04 -14.36
N SER B 162 24.59 23.15 -15.62
CA SER B 162 24.28 24.34 -16.40
C SER B 162 22.92 24.24 -17.11
N ALA B 163 22.55 23.02 -17.46
CA ALA B 163 21.28 22.78 -18.13
C ALA B 163 20.16 23.22 -17.21
N ILE B 164 20.19 22.66 -16.00
CA ILE B 164 19.20 22.99 -15.01
C ILE B 164 19.13 24.50 -14.83
N LYS B 165 20.27 25.14 -14.55
CA LYS B 165 20.29 26.57 -14.35
C LYS B 165 19.73 27.35 -15.53
N ASP B 166 20.31 27.14 -16.69
CA ASP B 166 19.86 27.84 -17.88
C ASP B 166 18.47 27.44 -18.32
N GLY B 167 18.24 26.13 -18.40
CA GLY B 167 16.94 25.67 -18.84
C GLY B 167 15.80 26.32 -18.12
N ILE B 168 15.80 26.18 -16.80
CA ILE B 168 14.75 26.73 -15.96
C ILE B 168 14.61 28.23 -16.14
N ALA B 169 15.73 28.89 -16.39
CA ALA B 169 15.72 30.32 -16.58
C ALA B 169 14.97 30.69 -17.84
N ILE B 170 14.88 29.76 -18.79
CA ILE B 170 14.19 30.01 -20.06
C ILE B 170 12.76 29.49 -20.02
N GLY B 171 12.45 28.75 -18.97
CA GLY B 171 11.11 28.21 -18.80
C GLY B 171 10.87 26.90 -19.50
N LYS B 172 11.78 25.95 -19.34
CA LYS B 172 11.57 24.65 -19.96
C LYS B 172 10.69 23.86 -19.04
N ASN B 173 10.07 22.81 -19.56
CA ASN B 173 9.23 21.97 -18.73
C ASN B 173 10.18 20.92 -18.13
N VAL B 174 10.21 20.88 -16.80
CA VAL B 174 11.08 19.97 -16.10
C VAL B 174 10.38 19.11 -15.05
N ILE B 175 10.75 17.84 -15.03
CA ILE B 175 10.19 16.93 -14.08
C ILE B 175 11.30 16.37 -13.24
N VAL B 176 11.05 16.35 -11.94
CA VAL B 176 11.95 15.81 -10.94
C VAL B 176 11.22 14.57 -10.40
N CYS B 177 11.80 13.40 -10.61
CA CYS B 177 11.16 12.15 -10.17
C CYS B 177 12.08 11.30 -9.30
N GLY B 178 11.50 10.25 -8.71
CA GLY B 178 12.25 9.37 -7.83
C GLY B 178 11.33 8.78 -6.76
N GLY B 179 11.93 8.07 -5.81
CA GLY B 179 11.16 7.43 -4.75
C GLY B 179 10.71 8.39 -3.67
N THR B 180 9.89 7.88 -2.75
CA THR B 180 9.37 8.68 -1.64
C THR B 180 10.49 9.22 -0.75
N GLY B 181 10.42 10.51 -0.45
CA GLY B 181 11.45 11.10 0.39
C GLY B 181 12.80 11.19 -0.29
N SER B 182 12.86 10.98 -1.61
CA SER B 182 14.13 11.04 -2.35
C SER B 182 14.72 12.46 -2.42
N GLY B 183 13.95 13.45 -1.96
CA GLY B 183 14.46 14.81 -1.99
C GLY B 183 14.06 15.62 -3.20
N LYS B 184 12.98 15.22 -3.86
CA LYS B 184 12.47 15.91 -5.05
C LYS B 184 11.90 17.29 -4.70
N THR B 185 10.95 17.31 -3.74
CA THR B 185 10.31 18.56 -3.28
C THR B 185 11.40 19.55 -2.95
N THR B 186 12.43 19.06 -2.28
CA THR B 186 13.57 19.86 -1.87
C THR B 186 14.34 20.42 -3.07
N TYR B 187 14.68 19.52 -3.97
CA TYR B 187 15.42 19.87 -5.16
C TYR B 187 14.78 20.96 -5.98
N ILE B 188 13.49 20.79 -6.31
CA ILE B 188 12.82 21.81 -7.10
C ILE B 188 12.82 23.16 -6.38
N LYS B 189 12.69 23.12 -5.06
CA LYS B 189 12.66 24.36 -4.25
C LYS B 189 13.92 25.19 -4.38
N SER B 190 15.07 24.52 -4.51
CA SER B 190 16.32 25.26 -4.61
C SER B 190 16.54 25.79 -6.02
N ILE B 191 16.22 24.98 -7.04
CA ILE B 191 16.39 25.39 -8.43
C ILE B 191 15.43 26.49 -8.85
N GLU B 193 15.65 29.29 -7.70
CA GLU B 193 16.48 30.49 -7.68
C GLU B 193 16.72 31.03 -9.07
N PHE B 194 16.70 30.14 -10.06
CA PHE B 194 16.97 30.53 -11.44
C PHE B 194 15.76 30.91 -12.31
N ILE B 195 14.69 31.35 -11.68
CA ILE B 195 13.48 31.76 -12.39
C ILE B 195 13.43 33.26 -12.22
N PRO B 196 13.50 34.02 -13.32
CA PRO B 196 13.46 35.50 -13.20
C PRO B 196 12.49 35.93 -12.14
N LYS B 197 12.97 36.73 -11.17
CA LYS B 197 12.12 37.22 -10.08
C LYS B 197 10.84 37.96 -10.49
N GLU B 198 10.71 38.25 -11.78
CA GLU B 198 9.56 38.96 -12.29
C GLU B 198 8.43 38.04 -12.66
N GLU B 199 8.70 36.74 -12.67
CA GLU B 199 7.70 35.75 -13.04
C GLU B 199 6.62 35.53 -11.99
N ARG B 200 5.37 35.55 -12.43
CA ARG B 200 4.25 35.31 -11.53
C ARG B 200 4.19 33.80 -11.48
N ILE B 201 4.29 33.24 -10.28
CA ILE B 201 4.28 31.79 -10.09
C ILE B 201 3.05 31.28 -9.34
N ILE B 202 2.49 30.18 -9.83
CA ILE B 202 1.35 29.59 -9.14
C ILE B 202 1.72 28.15 -8.87
N SER B 203 1.50 27.74 -7.62
CA SER B 203 1.81 26.39 -7.21
C SER B 203 0.58 25.62 -6.77
N ILE B 204 0.55 24.33 -7.11
CA ILE B 204 -0.55 23.46 -6.71
C ILE B 204 0.04 22.43 -5.79
N GLU B 205 -0.29 22.57 -4.52
CA GLU B 205 0.20 21.67 -3.52
C GLU B 205 -0.93 21.00 -2.80
N ASP B 206 -0.52 20.03 -2.00
CA ASP B 206 -1.37 19.20 -1.18
C ASP B 206 -1.09 19.62 0.26
N THR B 207 0.16 20.01 0.51
CA THR B 207 0.65 20.47 1.81
C THR B 207 1.61 21.63 1.53
N GLU B 208 1.44 22.75 2.21
CA GLU B 208 2.34 23.88 1.99
C GLU B 208 3.74 23.38 2.21
N GLU B 209 4.55 23.45 1.17
CA GLU B 209 5.92 22.97 1.24
C GLU B 209 6.83 23.90 0.46
N ILE B 210 6.32 24.35 -0.67
CA ILE B 210 7.11 25.26 -1.51
C ILE B 210 7.19 26.60 -0.78
N VAL B 211 8.34 27.25 -0.91
CA VAL B 211 8.57 28.56 -0.32
C VAL B 211 9.08 29.46 -1.42
N PHE B 212 8.61 30.70 -1.42
CA PHE B 212 9.03 31.64 -2.44
C PHE B 212 10.01 32.62 -1.80
N LYS B 213 11.29 32.35 -1.99
CA LYS B 213 12.31 33.19 -1.40
C LYS B 213 12.76 34.27 -2.37
N HIS B 214 12.53 34.07 -3.64
CA HIS B 214 12.97 35.06 -4.63
C HIS B 214 11.87 35.54 -5.53
N HIS B 215 10.62 35.39 -5.10
CA HIS B 215 9.52 35.81 -5.94
C HIS B 215 8.39 36.50 -5.21
N LYS B 216 8.23 37.79 -5.47
CA LYS B 216 7.19 38.54 -4.81
C LYS B 216 5.81 38.26 -5.39
N ASN B 217 5.70 38.20 -6.71
CA ASN B 217 4.41 37.95 -7.33
C ASN B 217 4.13 36.46 -7.51
N TYR B 218 3.20 35.95 -6.70
CA TYR B 218 2.88 34.53 -6.75
C TYR B 218 1.59 34.21 -6.00
N THR B 219 1.21 32.94 -5.99
CA THR B 219 -0.02 32.51 -5.32
C THR B 219 -0.02 31.00 -5.17
N GLN B 220 -0.39 30.53 -3.99
CA GLN B 220 -0.40 29.11 -3.74
C GLN B 220 -1.78 28.53 -3.74
N LEU B 221 -1.90 27.33 -4.30
CA LEU B 221 -3.17 26.62 -4.39
C LEU B 221 -3.08 25.27 -3.70
N PHE B 222 -4.13 24.92 -2.96
CA PHE B 222 -4.19 23.65 -2.24
C PHE B 222 -5.46 22.88 -2.54
N PHE B 223 -5.28 21.59 -2.80
CA PHE B 223 -6.40 20.71 -3.06
C PHE B 223 -6.62 19.75 -1.86
N GLY B 224 -7.82 19.22 -1.72
CA GLY B 224 -8.09 18.33 -0.61
C GLY B 224 -9.54 18.34 -0.22
N GLY B 225 -10.13 17.16 -0.16
CA GLY B 225 -11.53 17.07 0.19
C GLY B 225 -12.35 17.21 -1.08
N ASN B 226 -13.25 18.15 -1.03
CA ASN B 226 -14.10 18.45 -2.09
C ASN B 226 -13.34 18.94 -3.37
N ILE B 227 -12.37 19.80 -3.10
CA ILE B 227 -11.53 20.38 -4.16
C ILE B 227 -10.40 19.43 -4.61
N THR B 228 -10.37 19.18 -5.92
CA THR B 228 -9.39 18.29 -6.52
C THR B 228 -8.20 18.97 -7.14
N SER B 229 -7.17 18.16 -7.32
CA SER B 229 -5.92 18.60 -7.90
C SER B 229 -6.18 19.26 -9.25
N ALA B 230 -7.06 18.64 -10.03
CA ALA B 230 -7.40 19.17 -11.34
C ALA B 230 -8.06 20.53 -11.20
N ASP B 231 -8.88 20.67 -10.16
CA ASP B 231 -9.59 21.92 -9.92
C ASP B 231 -8.60 23.03 -9.74
N CYS B 232 -7.56 22.77 -8.97
CA CYS B 232 -6.57 23.80 -8.75
C CYS B 232 -5.87 24.15 -10.06
N LEU B 233 -5.38 23.14 -10.77
CA LEU B 233 -4.71 23.40 -12.03
C LEU B 233 -5.59 24.10 -13.05
N LYS B 234 -6.87 23.79 -13.03
CA LYS B 234 -7.80 24.40 -13.95
C LYS B 234 -7.97 25.87 -13.57
N SER B 235 -8.00 26.16 -12.27
CA SER B 235 -8.16 27.53 -11.81
C SER B 235 -6.85 28.22 -12.11
N CYS B 236 -5.77 27.50 -11.90
CA CYS B 236 -4.43 28.02 -12.14
C CYS B 236 -4.35 28.64 -13.52
N LEU B 237 -4.75 27.87 -14.53
CA LEU B 237 -4.72 28.35 -15.92
C LEU B 237 -5.64 29.54 -16.16
N ARG B 238 -6.30 30.02 -15.12
CA ARG B 238 -7.18 31.17 -15.24
C ARG B 238 -6.66 32.30 -14.37
N ARG B 240 -3.45 33.60 -14.85
CA ARG B 240 -2.32 34.18 -15.57
C ARG B 240 -0.93 33.91 -15.01
N PRO B 241 -0.54 32.63 -14.91
CA PRO B 241 0.76 32.23 -14.39
C PRO B 241 1.90 32.29 -15.40
N ASP B 242 3.10 32.59 -14.93
CA ASP B 242 4.27 32.62 -15.82
C ASP B 242 4.93 31.27 -15.67
N ARG B 243 4.83 30.74 -14.46
CA ARG B 243 5.37 29.42 -14.12
C ARG B 243 4.34 28.70 -13.29
N ILE B 244 4.21 27.40 -13.52
CA ILE B 244 3.27 26.62 -12.76
C ILE B 244 4.06 25.52 -12.06
N ILE B 245 4.05 25.53 -10.74
CA ILE B 245 4.75 24.51 -9.99
C ILE B 245 3.73 23.56 -9.45
N LEU B 246 3.67 22.38 -10.06
CA LEU B 246 2.74 21.35 -9.65
C LEU B 246 3.44 20.51 -8.61
N GLY B 247 2.98 20.64 -7.37
CA GLY B 247 3.58 19.89 -6.29
C GLY B 247 4.07 18.55 -6.77
N GLU B 248 3.15 17.76 -7.31
CA GLU B 248 3.49 16.45 -7.85
C GLU B 248 2.35 15.87 -8.63
N LEU B 249 2.62 15.55 -9.90
CA LEU B 249 1.62 14.99 -10.79
C LEU B 249 0.92 13.86 -10.08
N ARG B 250 -0.41 13.91 -10.02
CA ARG B 250 -1.10 12.86 -9.32
C ARG B 250 -1.83 11.85 -10.19
N SER B 251 -2.86 12.32 -10.90
CA SER B 251 -3.67 11.43 -11.72
C SER B 251 -4.80 12.24 -12.34
N SER B 252 -5.33 13.19 -11.57
CA SER B 252 -6.40 14.06 -12.06
C SER B 252 -5.76 15.00 -13.07
N GLU B 253 -4.72 15.69 -12.61
CA GLU B 253 -3.97 16.65 -13.41
C GLU B 253 -3.33 15.93 -14.56
N ALA B 254 -2.96 14.69 -14.33
CA ALA B 254 -2.32 13.85 -15.34
C ALA B 254 -2.65 14.28 -16.76
N TYR B 255 -3.89 14.07 -17.19
CA TYR B 255 -4.27 14.42 -18.56
C TYR B 255 -4.30 15.92 -18.84
N ASP B 256 -4.88 16.68 -17.91
CA ASP B 256 -4.98 18.13 -18.07
C ASP B 256 -3.61 18.79 -18.14
N PHE B 257 -2.60 18.05 -17.72
CA PHE B 257 -1.22 18.51 -17.75
C PHE B 257 -0.67 18.36 -19.20
N TYR B 258 -1.13 17.31 -19.88
CA TYR B 258 -0.74 17.03 -21.25
C TYR B 258 -1.26 18.12 -22.18
N ASN B 259 -2.51 18.48 -21.97
CA ASN B 259 -3.13 19.51 -22.77
C ASN B 259 -2.42 20.82 -22.54
N VAL B 260 -2.03 21.07 -21.29
CA VAL B 260 -1.36 22.32 -20.94
C VAL B 260 -0.01 22.36 -21.61
N LEU B 261 0.55 21.19 -21.85
CA LEU B 261 1.82 21.13 -22.50
C LEU B 261 1.60 21.31 -23.98
N CYS B 262 0.48 20.78 -24.48
CA CYS B 262 0.13 20.87 -25.88
C CYS B 262 -0.19 22.27 -26.34
N SER B 263 -0.59 23.14 -25.42
CA SER B 263 -0.90 24.52 -25.78
C SER B 263 0.40 25.32 -25.75
N GLY B 264 1.52 24.60 -25.57
CA GLY B 264 2.82 25.21 -25.53
C GLY B 264 2.97 26.14 -24.35
N HIS B 265 2.68 25.65 -23.15
CA HIS B 265 2.81 26.52 -21.98
C HIS B 265 4.22 26.66 -21.44
N LYS B 266 4.57 27.89 -21.05
CA LYS B 266 5.86 28.27 -20.55
C LYS B 266 6.68 27.30 -19.62
N GLY B 267 6.97 27.73 -18.37
CA GLY B 267 7.81 27.01 -17.43
C GLY B 267 7.02 26.13 -16.47
N THR B 268 7.10 24.82 -16.66
CA THR B 268 6.39 23.88 -15.84
C THR B 268 7.38 23.06 -15.14
N LEU B 269 7.11 22.88 -13.85
CA LEU B 269 8.04 22.17 -13.05
C LEU B 269 7.24 21.32 -12.09
N THR B 270 7.50 20.03 -12.10
CA THR B 270 6.77 19.13 -11.22
C THR B 270 7.50 17.86 -10.82
N THR B 271 7.19 17.39 -9.61
CA THR B 271 7.79 16.17 -9.08
C THR B 271 6.84 15.03 -9.33
N LEU B 272 7.40 13.85 -9.49
CA LEU B 272 6.64 12.64 -9.78
C LEU B 272 7.29 11.36 -9.26
N HIS B 273 6.46 10.39 -8.93
CA HIS B 273 6.95 9.08 -8.49
C HIS B 273 7.24 8.27 -9.74
N ALA B 274 8.52 8.12 -10.03
CA ALA B 274 8.95 7.36 -11.17
C ALA B 274 10.38 6.97 -10.87
N GLY B 275 10.75 5.79 -11.34
CA GLY B 275 12.08 5.28 -11.10
C GLY B 275 13.09 5.74 -12.12
N SER B 276 12.63 6.44 -13.16
CA SER B 276 13.52 6.94 -14.19
C SER B 276 12.84 7.75 -15.29
N SER B 277 13.66 8.20 -16.23
CA SER B 277 13.17 8.99 -17.34
C SER B 277 12.17 8.17 -18.14
N GLU B 278 12.63 7.06 -18.70
CA GLU B 278 11.74 6.24 -19.50
C GLU B 278 10.51 5.86 -18.70
N GLU B 279 10.68 5.63 -17.41
CA GLU B 279 9.54 5.29 -16.57
C GLU B 279 8.58 6.48 -16.44
N ALA B 280 9.11 7.65 -16.14
CA ALA B 280 8.26 8.83 -15.99
C ALA B 280 7.33 8.98 -17.20
N PHE B 281 7.87 8.74 -18.38
CA PHE B 281 7.12 8.87 -19.61
C PHE B 281 5.93 7.93 -19.66
N ILE B 282 6.15 6.70 -19.17
CA ILE B 282 5.13 5.67 -19.16
C ILE B 282 4.16 6.04 -18.06
N ARG B 283 4.71 6.45 -16.93
CA ARG B 283 3.95 6.87 -15.78
C ARG B 283 2.90 7.92 -16.16
N LEU B 284 3.30 8.88 -17.00
CA LEU B 284 2.42 9.94 -17.44
C LEU B 284 1.31 9.40 -18.34
N ALA B 285 1.68 8.66 -19.38
CA ALA B 285 0.68 8.11 -20.28
C ALA B 285 -0.39 7.37 -19.47
N ASN B 286 0.05 6.55 -18.52
CA ASN B 286 -0.88 5.81 -17.67
C ASN B 286 -1.90 6.72 -17.01
N SER B 288 -2.74 9.74 -17.54
CA SER B 288 -3.53 10.50 -18.50
C SER B 288 -4.72 9.63 -18.96
N SER B 289 -4.42 8.39 -19.35
CA SER B 289 -5.41 7.43 -19.84
C SER B 289 -6.50 7.11 -18.80
N SER B 290 -6.27 7.49 -17.56
CA SER B 290 -7.28 7.26 -16.53
C SER B 290 -8.40 8.26 -16.72
N ASN B 291 -8.07 9.44 -17.24
CA ASN B 291 -9.10 10.46 -17.46
C ASN B 291 -9.94 10.18 -18.70
N SER B 292 -11.25 10.21 -18.49
CA SER B 292 -12.21 9.96 -19.55
C SER B 292 -11.88 10.70 -20.83
N ALA B 293 -11.53 11.99 -20.69
CA ALA B 293 -11.22 12.83 -21.86
C ALA B 293 -10.15 12.22 -22.72
N ALA B 294 -9.41 11.28 -22.16
CA ALA B 294 -8.35 10.63 -22.91
C ALA B 294 -8.88 9.37 -23.60
N ARG B 295 -10.10 8.98 -23.24
CA ARG B 295 -10.77 7.79 -23.77
C ARG B 295 -10.47 7.47 -25.24
N ASN B 296 -10.57 8.46 -26.12
CA ASN B 296 -10.34 8.22 -27.54
C ASN B 296 -8.92 8.45 -28.04
N ILE B 297 -7.96 8.55 -27.11
CA ILE B 297 -6.58 8.81 -27.50
C ILE B 297 -5.66 7.61 -27.31
N LYS B 298 -5.05 7.16 -28.41
CA LYS B 298 -4.14 6.01 -28.41
C LYS B 298 -3.07 6.12 -27.33
N PHE B 299 -2.96 5.09 -26.48
CA PHE B 299 -1.96 5.07 -25.42
C PHE B 299 -0.54 5.41 -25.90
N GLU B 300 -0.04 4.64 -26.87
CA GLU B 300 1.30 4.91 -27.40
C GLU B 300 1.37 6.30 -28.05
N SER B 301 0.23 7.00 -28.08
CA SER B 301 0.16 8.34 -28.65
C SER B 301 0.44 9.38 -27.58
N LEU B 302 0.15 9.01 -26.32
CA LEU B 302 0.40 9.90 -25.20
C LEU B 302 1.87 9.93 -24.86
N ILE B 303 2.49 8.75 -24.74
CA ILE B 303 3.92 8.68 -24.42
C ILE B 303 4.69 9.51 -25.42
N GLU B 304 4.47 9.30 -26.71
CA GLU B 304 5.16 10.14 -27.67
C GLU B 304 4.82 11.59 -27.38
N GLY B 305 3.57 11.83 -27.01
CA GLY B 305 3.12 13.18 -26.71
C GLY B 305 3.92 13.80 -25.59
N PHE B 306 4.05 13.09 -24.48
CA PHE B 306 4.81 13.64 -23.38
C PHE B 306 6.29 13.77 -23.73
N LYS B 307 6.76 12.90 -24.63
CA LYS B 307 8.15 12.89 -25.02
C LYS B 307 8.54 14.05 -25.93
N ASP B 308 7.55 14.76 -26.45
CA ASP B 308 7.84 15.90 -27.32
C ASP B 308 7.87 17.13 -26.44
N LEU B 309 6.96 17.13 -25.47
CA LEU B 309 6.77 18.27 -24.57
C LEU B 309 7.73 18.43 -23.39
N ILE B 310 8.03 17.35 -22.68
CA ILE B 310 8.94 17.46 -21.53
C ILE B 310 10.39 17.70 -21.97
N ASP B 311 10.89 18.86 -21.57
CA ASP B 311 12.23 19.32 -21.91
C ASP B 311 13.39 18.59 -21.24
N ILE B 313 14.26 15.82 -17.62
CA ILE B 313 13.89 15.09 -16.42
C ILE B 313 15.13 14.81 -15.58
N VAL B 314 14.94 14.82 -14.27
CA VAL B 314 16.01 14.58 -13.32
C VAL B 314 15.51 13.55 -12.34
N HIS B 315 16.21 12.42 -12.24
CA HIS B 315 15.81 11.36 -11.32
C HIS B 315 16.81 11.29 -10.17
N ILE B 316 16.30 11.05 -8.97
CA ILE B 316 17.12 10.97 -7.76
C ILE B 316 17.01 9.60 -7.11
N ASN B 317 18.14 8.92 -6.89
CA ASN B 317 18.13 7.60 -6.26
C ASN B 317 17.80 7.70 -4.75
N HIS B 318 17.74 6.56 -4.07
CA HIS B 318 17.40 6.54 -2.63
C HIS B 318 18.48 7.18 -1.75
N HIS B 319 19.63 7.52 -2.35
CA HIS B 319 20.74 8.16 -1.63
C HIS B 319 20.79 9.67 -1.86
N LYS B 320 19.65 10.22 -2.30
CA LYS B 320 19.51 11.64 -2.58
C LYS B 320 20.63 12.15 -3.47
N GLN B 321 20.70 11.57 -4.66
CA GLN B 321 21.69 11.93 -5.67
C GLN B 321 21.13 11.72 -7.07
N CYS B 322 21.43 12.66 -7.96
CA CYS B 322 20.96 12.56 -9.33
C CYS B 322 21.72 11.42 -9.95
N ASP B 323 20.98 10.51 -10.59
CA ASP B 323 21.61 9.37 -11.23
C ASP B 323 21.19 9.31 -12.69
N GLU B 324 20.35 10.25 -13.09
CA GLU B 324 19.87 10.34 -14.48
C GLU B 324 19.48 11.77 -14.83
N PHE B 325 20.04 12.29 -15.91
CA PHE B 325 19.72 13.66 -16.31
C PHE B 325 19.29 13.75 -17.76
N TYR B 326 18.06 13.28 -18.00
CA TYR B 326 17.44 13.27 -19.32
C TYR B 326 17.20 14.69 -19.80
N ILE B 327 17.50 14.95 -21.08
CA ILE B 327 17.34 16.27 -21.67
C ILE B 327 16.83 16.15 -23.11
N LYS B 328 16.24 17.22 -23.63
CA LYS B 328 15.68 17.29 -24.97
C LYS B 328 14.70 16.13 -25.10
#